data_4LKU
#
_entry.id   4LKU
#
_cell.length_a   32.250
_cell.length_b   55.120
_cell.length_c   32.850
_cell.angle_alpha   90.000
_cell.angle_beta   93.580
_cell.angle_gamma   90.000
#
_symmetry.space_group_name_H-M   'P 1 21 1'
#
loop_
_entity.id
_entity.type
_entity.pdbx_description
1 polymer 'Large-conductance mechanosensitive channel'
2 water water
#
_entity_poly.entity_id   1
_entity_poly.type   'polypeptide(L)'
_entity_poly.pdbx_seq_one_letter_code
;EPAAAPAPTKEEVLLTEIRDLLKEQNNRS
;
_entity_poly.pdbx_strand_id   A,B,C,D,E
#
# COMPACT_ATOMS: atom_id res chain seq x y z
N GLU A 1 19.22 -19.74 16.20
CA GLU A 1 18.69 -21.08 16.03
C GLU A 1 17.61 -21.23 14.94
N PRO A 2 16.71 -20.24 14.79
CA PRO A 2 15.88 -20.32 13.59
C PRO A 2 16.65 -19.81 12.38
N ALA A 3 16.00 -19.70 11.23
CA ALA A 3 16.69 -19.21 10.03
C ALA A 3 17.11 -17.75 10.20
N ALA A 4 18.32 -17.44 9.72
CA ALA A 4 18.83 -16.07 9.80
C ALA A 4 18.26 -15.20 8.70
N ALA A 5 17.97 -15.81 7.55
CA ALA A 5 17.44 -15.08 6.40
C ALA A 5 16.16 -15.74 5.90
N PRO A 6 15.11 -15.78 6.74
CA PRO A 6 13.87 -16.39 6.29
C PRO A 6 13.18 -15.54 5.23
N ALA A 7 12.20 -16.12 4.58
CA ALA A 7 11.46 -15.42 3.53
C ALA A 7 10.82 -14.16 4.07
N PRO A 8 10.73 -13.11 3.24
CA PRO A 8 10.08 -11.91 3.76
C PRO A 8 8.60 -12.16 3.99
N THR A 9 7.97 -11.27 4.74
CA THR A 9 6.54 -11.38 5.00
C THR A 9 5.75 -11.16 3.73
N LYS A 10 4.53 -11.69 3.71
CA LYS A 10 3.65 -11.47 2.58
C LYS A 10 3.35 -9.99 2.47
N GLU A 11 3.29 -9.30 3.60
CA GLU A 11 3.14 -7.85 3.60
C GLU A 11 4.26 -7.20 2.79
N GLU A 12 5.49 -7.63 3.04
CA GLU A 12 6.67 -7.08 2.38
C GLU A 12 6.62 -7.32 0.87
N VAL A 13 6.24 -8.52 0.47
CA VAL A 13 6.17 -8.83 -0.96
C VAL A 13 5.13 -7.96 -1.67
N LEU A 14 3.96 -7.82 -1.05
CA LEU A 14 2.91 -6.95 -1.62
C LEU A 14 3.30 -5.48 -1.63
N LEU A 15 3.92 -5.00 -0.56
CA LEU A 15 4.37 -3.61 -0.53
C LEU A 15 5.42 -3.36 -1.61
N THR A 16 6.26 -4.36 -1.86
CA THR A 16 7.23 -4.29 -2.95
C THR A 16 6.51 -4.10 -4.30
N GLU A 17 5.47 -4.88 -4.54
CA GLU A 17 4.71 -4.81 -5.79
C GLU A 17 4.03 -3.44 -5.92
N ILE A 18 3.46 -2.98 -4.81
CA ILE A 18 2.83 -1.67 -4.78
C ILE A 18 3.85 -0.56 -5.07
N ARG A 19 5.01 -0.65 -4.43
CA ARG A 19 6.10 0.29 -4.66
C ARG A 19 6.47 0.30 -6.14
N ASP A 20 6.63 -0.90 -6.71
CA ASP A 20 7.04 -1.03 -8.10
C ASP A 20 6.03 -0.41 -9.06
N LEU A 21 4.75 -0.59 -8.75
CA LEU A 21 3.68 -0.05 -9.61
C LEU A 21 3.65 1.47 -9.55
N LEU A 22 3.83 2.03 -8.37
CA LEU A 22 3.81 3.48 -8.24
C LEU A 22 5.05 4.06 -8.93
N LYS A 23 6.20 3.42 -8.76
CA LYS A 23 7.43 3.91 -9.34
C LYS A 23 7.39 3.81 -10.86
N GLU A 24 6.84 2.72 -11.38
CA GLU A 24 6.74 2.58 -12.83
C GLU A 24 5.79 3.63 -13.40
N GLN A 25 4.68 3.86 -12.70
CA GLN A 25 3.74 4.91 -13.11
C GLN A 25 4.45 6.25 -13.22
N ASN A 26 5.23 6.60 -12.19
CA ASN A 26 6.00 7.84 -12.19
C ASN A 26 7.01 7.88 -13.34
N ASN A 27 7.64 6.73 -13.61
CA ASN A 27 8.66 6.63 -14.65
C ASN A 27 8.11 6.81 -16.06
N ARG A 28 6.80 6.78 -16.20
CA ARG A 28 6.17 6.97 -17.50
C ARG A 28 6.16 8.42 -17.93
N SER A 29 6.27 9.32 -16.95
CA SER A 29 6.04 10.73 -17.21
C SER A 29 7.26 11.60 -16.87
N GLU B 1 -3.65 -28.80 -9.18
CA GLU B 1 -3.49 -27.38 -8.86
C GLU B 1 -2.44 -27.17 -7.78
N PRO B 2 -1.77 -26.02 -7.81
CA PRO B 2 -0.88 -25.65 -6.70
C PRO B 2 -1.64 -25.67 -5.38
N ALA B 3 -0.93 -25.95 -4.28
CA ALA B 3 -1.56 -25.99 -2.97
C ALA B 3 -2.22 -24.64 -2.65
N ALA B 4 -3.34 -24.68 -1.95
CA ALA B 4 -3.97 -23.46 -1.49
C ALA B 4 -3.37 -23.10 -0.13
N ALA B 5 -2.74 -21.92 -0.07
CA ALA B 5 -2.05 -21.48 1.14
C ALA B 5 -3.00 -21.32 2.32
N PRO B 6 -2.47 -21.26 3.56
CA PRO B 6 -3.34 -20.94 4.70
C PRO B 6 -4.09 -19.64 4.48
N ALA B 7 -5.19 -19.46 5.21
CA ALA B 7 -6.04 -18.28 5.04
C ALA B 7 -5.24 -16.99 5.14
N PRO B 8 -5.47 -16.07 4.20
CA PRO B 8 -4.73 -14.82 4.21
C PRO B 8 -5.19 -13.91 5.35
N THR B 9 -4.27 -13.11 5.86
CA THR B 9 -4.64 -12.11 6.85
C THR B 9 -5.48 -11.02 6.21
N LYS B 10 -6.21 -10.29 7.03
CA LYS B 10 -6.95 -9.14 6.53
C LYS B 10 -6.01 -8.14 5.86
N GLU B 11 -4.83 -7.93 6.44
CA GLU B 11 -3.81 -7.05 5.86
C GLU B 11 -3.43 -7.50 4.45
N GLU B 12 -3.18 -8.79 4.29
CA GLU B 12 -2.79 -9.33 2.99
C GLU B 12 -3.89 -9.12 1.94
N VAL B 13 -5.13 -9.37 2.32
CA VAL B 13 -6.24 -9.24 1.40
C VAL B 13 -6.35 -7.78 0.94
N LEU B 14 -6.31 -6.86 1.89
CA LEU B 14 -6.41 -5.44 1.56
C LEU B 14 -5.24 -4.98 0.69
N LEU B 15 -4.02 -5.39 1.04
CA LEU B 15 -2.86 -5.01 0.24
C LEU B 15 -2.93 -5.59 -1.17
N THR B 16 -3.43 -6.81 -1.30
CA THR B 16 -3.62 -7.41 -2.62
C THR B 16 -4.65 -6.63 -3.44
N GLU B 17 -5.76 -6.23 -2.82
CA GLU B 17 -6.74 -5.38 -3.49
C GLU B 17 -6.12 -4.05 -3.93
N ILE B 18 -5.34 -3.43 -3.06
CA ILE B 18 -4.66 -2.18 -3.42
C ILE B 18 -3.70 -2.39 -4.61
N ARG B 19 -2.92 -3.45 -4.56
CA ARG B 19 -2.05 -3.81 -5.69
C ARG B 19 -2.86 -3.94 -6.99
N ASP B 20 -3.96 -4.68 -6.92
CA ASP B 20 -4.82 -4.89 -8.09
C ASP B 20 -5.33 -3.58 -8.68
N LEU B 21 -5.70 -2.64 -7.81
CA LEU B 21 -6.26 -1.37 -8.26
C LEU B 21 -5.18 -0.56 -8.97
N LEU B 22 -3.96 -0.62 -8.44
CA LEU B 22 -2.87 0.11 -9.06
C LEU B 22 -2.46 -0.52 -10.38
N LYS B 23 -2.49 -1.84 -10.44
CA LYS B 23 -2.20 -2.53 -11.70
C LYS B 23 -3.24 -2.14 -12.75
N GLU B 24 -4.50 -2.15 -12.34
CA GLU B 24 -5.61 -1.84 -13.23
C GLU B 24 -5.46 -0.44 -13.78
N GLN B 25 -5.08 0.51 -12.93
CA GLN B 25 -4.96 1.88 -13.38
C GLN B 25 -3.74 2.08 -14.28
N ASN B 26 -2.65 1.40 -13.96
CA ASN B 26 -1.48 1.44 -14.84
C ASN B 26 -1.80 0.87 -16.21
N ASN B 27 -2.56 -0.22 -16.23
CA ASN B 27 -2.85 -0.89 -17.49
C ASN B 27 -3.78 -0.10 -18.40
N ARG B 28 -4.73 0.62 -17.83
CA ARG B 28 -5.71 1.30 -18.68
C ARG B 28 -5.30 2.74 -18.96
N SER B 29 -4.23 3.19 -18.31
CA SER B 29 -3.74 4.54 -18.52
C SER B 29 -2.47 4.55 -19.38
N PRO C 6 -13.21 -8.80 18.23
CA PRO C 6 -13.00 -8.86 16.78
C PRO C 6 -13.02 -7.47 16.18
N ALA C 7 -12.71 -6.46 17.00
CA ALA C 7 -12.58 -5.11 16.52
C ALA C 7 -11.51 -5.02 15.44
N PRO C 8 -11.72 -4.16 14.44
CA PRO C 8 -10.65 -4.00 13.44
C PRO C 8 -9.42 -3.35 14.05
N THR C 9 -8.27 -3.61 13.43
CA THR C 9 -7.05 -2.93 13.80
C THR C 9 -7.01 -1.57 13.12
N LYS C 10 -6.22 -0.65 13.67
CA LYS C 10 -6.01 0.64 13.04
C LYS C 10 -5.44 0.45 11.65
N GLU C 11 -4.55 -0.53 11.48
CA GLU C 11 -3.99 -0.82 10.17
C GLU C 11 -5.08 -1.20 9.17
N GLU C 12 -6.02 -2.05 9.60
CA GLU C 12 -7.11 -2.44 8.72
C GLU C 12 -7.97 -1.24 8.33
N VAL C 13 -8.27 -0.39 9.30
CA VAL C 13 -9.09 0.79 9.06
C VAL C 13 -8.44 1.67 8.00
N LEU C 14 -7.14 1.91 8.13
CA LEU C 14 -6.40 2.74 7.19
C LEU C 14 -6.29 2.10 5.80
N LEU C 15 -5.98 0.82 5.74
CA LEU C 15 -5.86 0.14 4.45
C LEU C 15 -7.19 0.11 3.71
N THR C 16 -8.27 -0.02 4.46
CA THR C 16 -9.60 0.00 3.86
C THR C 16 -9.90 1.35 3.21
N GLU C 17 -9.53 2.43 3.89
CA GLU C 17 -9.73 3.76 3.31
C GLU C 17 -8.84 3.97 2.09
N ILE C 18 -7.60 3.52 2.18
CA ILE C 18 -6.67 3.62 1.05
C ILE C 18 -7.23 2.87 -0.16
N ARG C 19 -7.67 1.63 0.06
CA ARG C 19 -8.31 0.86 -1.00
C ARG C 19 -9.49 1.62 -1.60
N ASP C 20 -10.36 2.16 -0.74
CA ASP C 20 -11.53 2.86 -1.24
C ASP C 20 -11.18 4.12 -2.04
N LEU C 21 -10.17 4.85 -1.59
CA LEU C 21 -9.71 6.03 -2.31
C LEU C 21 -9.17 5.66 -3.69
N LEU C 22 -8.48 4.54 -3.79
CA LEU C 22 -7.95 4.11 -5.08
C LEU C 22 -9.05 3.65 -6.02
N LYS C 23 -10.08 3.00 -5.47
CA LYS C 23 -11.24 2.63 -6.26
C LYS C 23 -11.89 3.88 -6.83
N GLU C 24 -11.98 4.92 -6.00
CA GLU C 24 -12.60 6.16 -6.43
C GLU C 24 -11.79 6.82 -7.52
N GLN C 25 -10.46 6.83 -7.36
CA GLN C 25 -9.58 7.38 -8.37
C GLN C 25 -9.77 6.68 -9.71
N ASN C 26 -9.83 5.36 -9.67
CA ASN C 26 -10.02 4.58 -10.88
C ASN C 26 -11.37 4.84 -11.53
N ASN C 27 -12.40 4.98 -10.72
CA ASN C 27 -13.74 5.27 -11.23
C ASN C 27 -13.83 6.63 -11.91
N ARG C 28 -13.15 7.62 -11.33
CA ARG C 28 -13.29 9.00 -11.78
C ARG C 28 -12.33 9.31 -12.91
N SER C 29 -11.31 8.49 -13.04
CA SER C 29 -10.40 8.57 -14.18
C SER C 29 -11.06 7.82 -15.33
N ALA D 5 -5.64 7.66 22.93
CA ALA D 5 -5.17 6.44 22.29
C ALA D 5 -3.67 6.24 22.52
N PRO D 6 -3.23 4.98 22.59
CA PRO D 6 -1.80 4.70 22.70
C PRO D 6 -1.04 5.23 21.49
N ALA D 7 0.27 5.37 21.61
CA ALA D 7 1.09 5.87 20.51
C ALA D 7 0.96 4.97 19.28
N PRO D 8 0.83 5.58 18.09
CA PRO D 8 0.70 4.81 16.86
C PRO D 8 1.99 4.10 16.50
N THR D 9 1.85 2.98 15.79
CA THR D 9 3.01 2.28 15.29
C THR D 9 3.57 3.07 14.11
N LYS D 10 4.81 2.78 13.76
CA LYS D 10 5.45 3.45 12.65
C LYS D 10 4.67 3.19 11.37
N GLU D 11 4.18 1.97 11.22
CA GLU D 11 3.38 1.64 10.04
C GLU D 11 2.06 2.40 10.00
N GLU D 12 1.34 2.52 11.12
CA GLU D 12 0.13 3.33 11.16
C GLU D 12 0.38 4.78 10.76
N VAL D 13 1.47 5.35 11.25
CA VAL D 13 1.75 6.74 10.89
C VAL D 13 1.95 6.88 9.37
N LEU D 14 2.76 6.02 8.79
CA LEU D 14 3.01 6.03 7.36
C LEU D 14 1.73 5.78 6.56
N LEU D 15 0.92 4.81 6.99
CA LEU D 15 -0.34 4.55 6.29
C LEU D 15 -1.28 5.74 6.40
N THR D 16 -1.25 6.43 7.53
CA THR D 16 -2.10 7.62 7.65
C THR D 16 -1.65 8.69 6.67
N GLU D 17 -0.35 8.88 6.53
CA GLU D 17 0.15 9.85 5.58
C GLU D 17 -0.20 9.47 4.14
N ILE D 18 -0.10 8.18 3.82
CA ILE D 18 -0.46 7.67 2.50
C ILE D 18 -1.93 7.94 2.22
N ARG D 19 -2.78 7.63 3.21
CA ARG D 19 -4.20 7.96 3.11
C ARG D 19 -4.38 9.46 2.83
N ASP D 20 -3.68 10.29 3.60
CA ASP D 20 -3.80 11.74 3.45
C ASP D 20 -3.43 12.20 2.06
N LEU D 21 -2.36 11.63 1.50
CA LEU D 21 -1.91 11.99 0.17
C LEU D 21 -2.92 11.60 -0.90
N LEU D 22 -3.52 10.42 -0.77
CA LEU D 22 -4.52 9.98 -1.73
C LEU D 22 -5.78 10.83 -1.61
N LYS D 23 -6.15 11.21 -0.39
CA LYS D 23 -7.28 12.09 -0.21
C LYS D 23 -7.04 13.45 -0.85
N GLU D 24 -5.82 13.96 -0.72
CA GLU D 24 -5.45 15.23 -1.36
C GLU D 24 -5.57 15.12 -2.87
N GLN D 25 -5.04 14.04 -3.42
CA GLN D 25 -5.13 13.77 -4.86
C GLN D 25 -6.59 13.77 -5.32
N ASN D 26 -7.44 13.06 -4.57
CA ASN D 26 -8.88 12.99 -4.85
C ASN D 26 -9.48 14.38 -4.93
N ASN D 27 -9.17 15.20 -3.93
CA ASN D 27 -9.70 16.55 -3.86
C ASN D 27 -9.19 17.45 -4.99
N ARG D 28 -7.97 17.18 -5.46
CA ARG D 28 -7.33 18.07 -6.43
C ARG D 28 -7.56 17.68 -7.89
N SER D 29 -7.99 16.46 -8.15
CA SER D 29 -8.05 15.95 -9.53
C SER D 29 -9.13 16.61 -10.39
N ALA E 7 17.53 -1.41 13.22
CA ALA E 7 17.25 -1.05 11.83
C ALA E 7 15.74 -0.98 11.59
N PRO E 8 15.31 -0.07 10.70
CA PRO E 8 13.89 -0.09 10.35
C PRO E 8 13.55 -1.38 9.62
N THR E 9 12.30 -1.80 9.73
CA THR E 9 11.88 -3.01 9.04
C THR E 9 11.79 -2.74 7.54
N LYS E 10 11.91 -3.80 6.76
CA LYS E 10 11.73 -3.70 5.30
C LYS E 10 10.39 -3.08 5.01
N GLU E 11 9.38 -3.42 5.81
CA GLU E 11 8.03 -2.91 5.60
C GLU E 11 7.97 -1.40 5.84
N GLU E 12 8.60 -0.91 6.90
CA GLU E 12 8.66 0.53 7.15
C GLU E 12 9.37 1.26 6.02
N VAL E 13 10.47 0.70 5.52
CA VAL E 13 11.21 1.31 4.43
C VAL E 13 10.36 1.35 3.18
N LEU E 14 9.67 0.26 2.86
CA LEU E 14 8.80 0.25 1.70
C LEU E 14 7.65 1.22 1.82
N LEU E 15 7.03 1.31 3.00
CA LEU E 15 5.95 2.27 3.19
C LEU E 15 6.47 3.69 3.03
N THR E 16 7.69 3.94 3.47
CA THR E 16 8.30 5.26 3.33
C THR E 16 8.51 5.58 1.85
N GLU E 17 9.00 4.61 1.08
CA GLU E 17 9.14 4.77 -0.36
C GLU E 17 7.81 5.05 -1.06
N ILE E 18 6.79 4.28 -0.70
CA ILE E 18 5.45 4.48 -1.23
C ILE E 18 4.92 5.88 -0.91
N ARG E 19 5.06 6.30 0.34
CA ARG E 19 4.69 7.65 0.74
C ARG E 19 5.38 8.69 -0.13
N ASP E 20 6.68 8.50 -0.33
CA ASP E 20 7.48 9.43 -1.11
C ASP E 20 7.09 9.46 -2.58
N LEU E 21 6.73 8.30 -3.13
CA LEU E 21 6.28 8.23 -4.52
C LEU E 21 4.96 8.96 -4.73
N LEU E 22 4.05 8.86 -3.75
CA LEU E 22 2.79 9.56 -3.82
C LEU E 22 2.97 11.06 -3.64
N LYS E 23 3.90 11.45 -2.79
CA LYS E 23 4.23 12.87 -2.64
C LYS E 23 4.69 13.42 -3.98
N GLU E 24 5.56 12.67 -4.64
CA GLU E 24 6.08 13.07 -5.94
C GLU E 24 4.99 13.15 -7.01
N GLN E 25 4.06 12.21 -6.98
CA GLN E 25 2.92 12.26 -7.89
C GLN E 25 2.14 13.55 -7.68
N ASN E 26 1.80 13.83 -6.42
CA ASN E 26 1.05 15.03 -6.09
C ASN E 26 1.78 16.32 -6.45
N ASN E 27 3.10 16.31 -6.33
CA ASN E 27 3.89 17.49 -6.67
C ASN E 27 3.97 17.75 -8.17
N ARG E 28 3.98 16.69 -8.96
CA ARG E 28 4.16 16.81 -10.41
C ARG E 28 2.85 16.96 -11.19
N SER E 29 1.72 16.66 -10.55
CA SER E 29 0.44 16.68 -11.26
C SER E 29 0.07 18.08 -11.75
#